data_1F6T
#
_entry.id   1F6T
#
_cell.length_a   70.359
_cell.length_b   70.359
_cell.length_c   153.792
_cell.angle_alpha   90.00
_cell.angle_beta   90.00
_cell.angle_gamma   120.00
#
_symmetry.space_group_name_H-M   'P 31 2 1'
#
loop_
_entity.id
_entity.type
_entity.pdbx_description
1 polymer 'PROTEIN (NUCLEOSIDE DIPHOSPHATE KINASE)'
2 non-polymer 'MAGNESIUM ION'
3 non-polymer '2*-DEOXY-THYMIDINE-5*-ALPHA BORANO DIPHOSPHATE (ISOMER RP)'
4 water water
#
_entity_poly.entity_id   1
_entity_poly.type   'polypeptide(L)'
_entity_poly.pdbx_seq_one_letter_code
;MSTNKVNKERTFLAVKPDGVARGLVGEIIARYEKKGFVLVGLKQLVPTKDLAESHYAEHKERPFFGGLVSFITSGPVVAM
VFEGKGVVASARLMIGVTNPLASAPGSIRGDFGVDVGRNIIHGSDSVESANREIALWFKPEELLTEVKPNPNLYE
;
_entity_poly.pdbx_strand_id   A,B,C
#
loop_
_chem_comp.id
_chem_comp.type
_chem_comp.name
_chem_comp.formula
MG non-polymer 'MAGNESIUM ION' 'Mg 2'
TBD non-polymer '2*-DEOXY-THYMIDINE-5*-ALPHA BORANO DIPHOSPHATE (ISOMER RP)' 'C10 H19 B N2 O10 P2'
#
# COMPACT_ATOMS: atom_id res chain seq x y z
N VAL A 6 -9.42 26.02 1.96
CA VAL A 6 -7.96 26.24 1.75
C VAL A 6 -7.17 25.09 2.40
N ASN A 7 -5.85 25.24 2.45
CA ASN A 7 -5.03 24.20 3.06
C ASN A 7 -5.45 24.04 4.52
N LYS A 8 -6.47 24.79 4.92
CA LYS A 8 -7.02 24.72 6.28
C LYS A 8 -8.24 23.80 6.37
N GLU A 9 -8.64 23.20 5.24
CA GLU A 9 -9.78 22.28 5.21
C GLU A 9 -9.59 21.19 6.27
N ARG A 10 -10.67 20.85 6.98
CA ARG A 10 -10.57 19.81 7.99
C ARG A 10 -11.51 18.65 7.72
N THR A 11 -11.26 17.54 8.41
CA THR A 11 -12.07 16.36 8.27
C THR A 11 -12.16 15.65 9.61
N PHE A 12 -13.22 14.87 9.79
CA PHE A 12 -13.36 14.15 11.03
C PHE A 12 -13.14 12.67 10.80
N LEU A 13 -12.34 12.06 11.66
CA LEU A 13 -12.06 10.63 11.58
C LEU A 13 -12.25 9.99 12.97
N ALA A 14 -12.56 8.70 12.99
CA ALA A 14 -12.74 8.02 14.26
C ALA A 14 -12.46 6.54 14.14
N VAL A 15 -11.62 6.07 15.05
CA VAL A 15 -11.24 4.67 15.12
C VAL A 15 -12.37 4.04 15.91
N LYS A 16 -13.15 3.20 15.24
CA LYS A 16 -14.28 2.55 15.88
C LYS A 16 -13.82 1.57 16.96
N PRO A 17 -14.78 1.02 17.73
CA PRO A 17 -14.44 0.07 18.80
C PRO A 17 -13.58 -1.11 18.36
N ASP A 18 -13.82 -1.64 17.16
CA ASP A 18 -13.02 -2.77 16.68
C ASP A 18 -11.58 -2.33 16.41
N GLY A 19 -11.42 -1.13 15.85
CA GLY A 19 -10.10 -0.59 15.53
C GLY A 19 -9.30 -0.39 16.80
N VAL A 20 -9.97 0.17 17.81
CA VAL A 20 -9.37 0.39 19.10
C VAL A 20 -9.07 -0.95 19.78
N ALA A 21 -10.07 -1.81 19.87
CA ALA A 21 -9.89 -3.11 20.52
C ALA A 21 -8.77 -3.94 19.86
N ARG A 22 -8.61 -3.76 18.55
CA ARG A 22 -7.58 -4.49 17.82
C ARG A 22 -6.19 -3.86 17.84
N GLY A 23 -6.03 -2.78 18.60
CA GLY A 23 -4.74 -2.13 18.70
C GLY A 23 -4.25 -1.44 17.45
N LEU A 24 -5.16 -0.82 16.70
CA LEU A 24 -4.78 -0.13 15.46
C LEU A 24 -4.74 1.40 15.54
N VAL A 25 -4.97 1.96 16.73
CA VAL A 25 -4.97 3.42 16.89
C VAL A 25 -3.71 4.16 16.43
N GLY A 26 -2.53 3.69 16.85
CA GLY A 26 -1.27 4.34 16.50
C GLY A 26 -1.00 4.24 15.01
N GLU A 27 -1.22 3.03 14.51
CA GLU A 27 -1.07 2.74 13.09
C GLU A 27 -1.88 3.73 12.25
N ILE A 28 -3.13 3.93 12.64
CA ILE A 28 -3.99 4.84 11.89
C ILE A 28 -3.54 6.30 11.99
N ILE A 29 -3.19 6.75 13.20
CA ILE A 29 -2.75 8.13 13.38
C ILE A 29 -1.45 8.38 12.61
N ALA A 30 -0.55 7.40 12.67
CA ALA A 30 0.72 7.52 11.95
C ALA A 30 0.50 7.61 10.43
N ARG A 31 -0.45 6.86 9.88
CA ARG A 31 -0.69 6.98 8.45
C ARG A 31 -1.07 8.42 8.04
N TYR A 32 -1.87 9.10 8.87
CA TYR A 32 -2.25 10.47 8.54
C TYR A 32 -1.13 11.47 8.84
N GLU A 33 -0.34 11.20 9.88
CA GLU A 33 0.81 12.03 10.28
C GLU A 33 1.88 12.00 9.17
N LYS A 34 2.11 10.81 8.63
CA LYS A 34 3.10 10.61 7.57
C LYS A 34 2.68 11.26 6.26
N LYS A 35 1.38 11.25 5.99
CA LYS A 35 0.81 11.80 4.75
C LYS A 35 1.02 13.30 4.65
N GLY A 36 1.08 13.95 5.80
CA GLY A 36 1.26 15.39 5.84
C GLY A 36 0.13 16.13 6.51
N PHE A 37 -0.92 15.41 6.89
CA PHE A 37 -2.05 16.02 7.54
C PHE A 37 -1.71 16.30 9.00
N VAL A 38 -2.26 17.40 9.51
CA VAL A 38 -2.01 17.83 10.89
C VAL A 38 -3.15 17.46 11.84
N LEU A 39 -2.79 16.95 13.01
CA LEU A 39 -3.74 16.54 14.03
C LEU A 39 -4.22 17.75 14.86
N VAL A 40 -5.43 18.22 14.58
CA VAL A 40 -5.99 19.40 15.26
C VAL A 40 -7.03 19.11 16.35
N GLY A 41 -7.25 17.83 16.60
CA GLY A 41 -8.21 17.40 17.61
C GLY A 41 -8.04 15.91 17.80
N LEU A 42 -8.03 15.48 19.06
CA LEU A 42 -7.85 14.07 19.41
C LEU A 42 -8.43 13.75 20.80
N LYS A 43 -9.13 12.63 20.91
CA LYS A 43 -9.69 12.19 22.21
C LYS A 43 -10.32 10.80 22.12
N GLN A 44 -10.25 10.04 23.21
CA GLN A 44 -10.87 8.74 23.26
C GLN A 44 -12.06 8.87 24.22
N LEU A 45 -13.16 8.21 23.87
CA LEU A 45 -14.37 8.24 24.70
C LEU A 45 -15.32 7.16 24.22
N VAL A 46 -16.18 6.71 25.13
CA VAL A 46 -17.18 5.70 24.80
C VAL A 46 -18.43 6.45 24.31
N PRO A 47 -18.74 6.36 23.02
CA PRO A 47 -19.90 7.05 22.46
C PRO A 47 -21.25 6.82 23.11
N THR A 48 -21.94 7.93 23.32
CA THR A 48 -23.27 7.97 23.91
C THR A 48 -24.26 7.55 22.82
N LYS A 49 -25.40 6.96 23.21
CA LYS A 49 -26.38 6.55 22.22
C LYS A 49 -26.79 7.71 21.33
N ASP A 50 -27.01 8.87 21.95
CA ASP A 50 -27.40 10.10 21.23
C ASP A 50 -26.31 10.56 20.28
N LEU A 51 -25.09 10.56 20.77
CA LEU A 51 -23.94 10.97 19.96
C LEU A 51 -23.98 10.12 18.71
N ALA A 52 -23.94 8.82 18.93
CA ALA A 52 -23.97 7.84 17.85
C ALA A 52 -25.13 8.08 16.90
N GLU A 53 -26.33 8.31 17.42
CA GLU A 53 -27.46 8.51 16.52
C GLU A 53 -27.38 9.84 15.76
N SER A 54 -26.85 10.88 16.39
CA SER A 54 -26.72 12.15 15.71
C SER A 54 -25.62 12.04 14.65
N HIS A 55 -24.59 11.24 14.93
CA HIS A 55 -23.49 11.08 14.00
C HIS A 55 -23.96 10.43 12.72
N TYR A 56 -24.65 9.32 12.89
CA TYR A 56 -25.15 8.56 11.77
C TYR A 56 -26.60 8.89 11.38
N ALA A 57 -27.08 10.07 11.77
CA ALA A 57 -28.46 10.50 11.46
C ALA A 57 -28.87 10.33 10.01
N GLU A 58 -27.91 10.43 9.09
CA GLU A 58 -28.27 10.28 7.69
C GLU A 58 -28.67 8.83 7.35
N HIS A 59 -28.31 7.88 8.22
CA HIS A 59 -28.63 6.47 8.00
C HIS A 59 -29.73 5.93 8.93
N LYS A 60 -30.42 6.82 9.65
CA LYS A 60 -31.45 6.41 10.60
C LYS A 60 -32.61 5.55 10.11
N GLU A 61 -32.81 5.49 8.79
CA GLU A 61 -33.88 4.70 8.17
C GLU A 61 -33.34 3.38 7.64
N ARG A 62 -32.02 3.32 7.48
CA ARG A 62 -31.36 2.14 6.98
C ARG A 62 -31.49 1.02 8.00
N PRO A 63 -31.74 -0.21 7.54
CA PRO A 63 -31.89 -1.35 8.45
C PRO A 63 -30.74 -1.53 9.44
N PHE A 64 -29.52 -1.43 8.93
CA PHE A 64 -28.32 -1.60 9.74
C PHE A 64 -28.09 -0.54 10.83
N PHE A 65 -28.84 0.56 10.82
CA PHE A 65 -28.68 1.63 11.81
C PHE A 65 -28.70 1.17 13.29
N GLY A 66 -29.69 0.38 13.67
CA GLY A 66 -29.74 -0.08 15.06
C GLY A 66 -28.48 -0.80 15.56
N GLY A 67 -28.04 -1.77 14.78
CA GLY A 67 -26.85 -2.55 15.10
C GLY A 67 -25.62 -1.67 15.06
N LEU A 68 -25.58 -0.76 14.09
CA LEU A 68 -24.47 0.19 13.98
C LEU A 68 -24.42 1.03 15.25
N VAL A 69 -25.54 1.67 15.60
CA VAL A 69 -25.55 2.51 16.80
C VAL A 69 -25.15 1.69 18.01
N SER A 70 -25.64 0.47 18.07
CA SER A 70 -25.33 -0.38 19.21
C SER A 70 -23.84 -0.68 19.33
N PHE A 71 -23.19 -0.98 18.20
CA PHE A 71 -21.76 -1.29 18.21
C PHE A 71 -20.87 -0.08 18.46
N ILE A 72 -21.24 1.05 17.88
CA ILE A 72 -20.44 2.26 18.06
C ILE A 72 -20.45 2.72 19.52
N THR A 73 -21.41 2.24 20.31
CA THR A 73 -21.47 2.60 21.72
C THR A 73 -21.05 1.43 22.60
N SER A 74 -20.53 0.38 22.01
CA SER A 74 -20.16 -0.78 22.80
C SER A 74 -18.77 -0.71 23.41
N GLY A 75 -17.99 0.29 23.05
CA GLY A 75 -16.66 0.41 23.62
C GLY A 75 -16.01 1.74 23.29
N PRO A 76 -14.75 1.92 23.69
CA PRO A 76 -14.03 3.16 23.43
C PRO A 76 -13.86 3.40 21.94
N VAL A 77 -13.82 4.70 21.61
CA VAL A 77 -13.67 5.20 20.25
C VAL A 77 -12.60 6.29 20.33
N VAL A 78 -11.78 6.40 19.28
CA VAL A 78 -10.78 7.45 19.22
C VAL A 78 -11.17 8.39 18.09
N ALA A 79 -11.70 9.54 18.50
CA ALA A 79 -12.17 10.58 17.60
C ALA A 79 -11.05 11.57 17.25
N MET A 80 -11.00 12.02 16.01
CA MET A 80 -9.95 12.98 15.65
C MET A 80 -10.31 13.87 14.46
N VAL A 81 -9.59 14.97 14.35
CA VAL A 81 -9.79 15.91 13.25
C VAL A 81 -8.41 16.24 12.65
N PHE A 82 -8.31 16.08 11.34
CA PHE A 82 -7.08 16.36 10.61
C PHE A 82 -7.32 17.51 9.63
N GLU A 83 -6.27 18.32 9.44
CA GLU A 83 -6.30 19.51 8.60
C GLU A 83 -5.29 19.50 7.44
N GLY A 84 -5.74 19.96 6.26
CA GLY A 84 -4.87 20.03 5.10
C GLY A 84 -5.58 20.06 3.75
N LYS A 85 -4.86 20.53 2.74
CA LYS A 85 -5.40 20.60 1.38
C LYS A 85 -6.11 19.29 1.00
N GLY A 86 -7.43 19.37 0.82
CA GLY A 86 -8.21 18.21 0.42
C GLY A 86 -8.26 17.03 1.40
N VAL A 87 -8.02 17.29 2.68
CA VAL A 87 -8.00 16.24 3.70
C VAL A 87 -9.27 15.39 3.81
N VAL A 88 -10.40 15.90 3.34
CA VAL A 88 -11.65 15.13 3.46
C VAL A 88 -11.73 14.02 2.46
N ALA A 89 -11.40 14.34 1.22
CA ALA A 89 -11.44 13.36 0.16
C ALA A 89 -10.23 12.43 0.22
N SER A 90 -9.11 12.95 0.72
CA SER A 90 -7.89 12.13 0.80
C SER A 90 -7.94 11.10 1.93
N ALA A 91 -8.54 11.47 3.06
CA ALA A 91 -8.67 10.56 4.19
C ALA A 91 -9.60 9.43 3.78
N ARG A 92 -10.56 9.75 2.93
CA ARG A 92 -11.52 8.81 2.43
C ARG A 92 -10.81 7.79 1.55
N LEU A 93 -9.92 8.30 0.72
CA LEU A 93 -9.14 7.48 -0.18
C LEU A 93 -8.26 6.55 0.68
N MET A 94 -7.70 7.12 1.74
CA MET A 94 -6.81 6.40 2.62
C MET A 94 -7.50 5.35 3.48
N ILE A 95 -8.83 5.43 3.53
CA ILE A 95 -9.64 4.51 4.31
C ILE A 95 -10.02 3.32 3.43
N GLY A 96 -10.39 3.60 2.19
CA GLY A 96 -10.78 2.57 1.25
C GLY A 96 -12.25 2.73 0.89
N VAL A 97 -13.00 1.63 0.97
CA VAL A 97 -14.44 1.66 0.68
C VAL A 97 -15.25 0.99 1.80
N THR A 98 -16.58 1.13 1.72
CA THR A 98 -17.45 0.57 2.74
C THR A 98 -17.07 -0.84 3.16
N ASN A 99 -17.05 -1.71 2.17
CA ASN A 99 -16.72 -3.12 2.30
C ASN A 99 -15.21 -3.31 2.36
N PRO A 100 -14.65 -3.68 3.52
CA PRO A 100 -13.21 -3.90 3.67
C PRO A 100 -12.63 -4.89 2.66
N LEU A 101 -13.44 -5.87 2.25
CA LEU A 101 -12.97 -6.88 1.31
C LEU A 101 -12.67 -6.37 -0.09
N ALA A 102 -13.23 -5.21 -0.43
CA ALA A 102 -13.07 -4.57 -1.75
C ALA A 102 -12.24 -3.31 -1.66
N SER A 103 -11.70 -3.05 -0.47
CA SER A 103 -10.86 -1.88 -0.23
C SER A 103 -9.47 -2.29 -0.68
N ALA A 104 -8.81 -1.44 -1.45
CA ALA A 104 -7.50 -1.79 -2.02
C ALA A 104 -6.37 -1.99 -1.04
N PRO A 105 -5.39 -2.85 -1.38
CA PRO A 105 -4.26 -3.05 -0.47
C PRO A 105 -3.65 -1.65 -0.36
N GLY A 106 -3.17 -1.29 0.82
CA GLY A 106 -2.64 0.06 0.99
C GLY A 106 -3.58 0.98 1.74
N SER A 107 -4.89 0.73 1.67
CA SER A 107 -5.83 1.56 2.43
C SER A 107 -6.01 0.92 3.80
N ILE A 108 -6.64 1.66 4.74
CA ILE A 108 -6.83 1.15 6.09
C ILE A 108 -7.79 -0.06 6.16
N ARG A 109 -8.97 0.04 5.56
CA ARG A 109 -9.87 -1.10 5.60
C ARG A 109 -9.35 -2.24 4.75
N GLY A 110 -8.68 -1.91 3.64
CA GLY A 110 -8.11 -2.92 2.77
C GLY A 110 -7.03 -3.78 3.42
N ASP A 111 -6.15 -3.13 4.17
CA ASP A 111 -5.05 -3.79 4.84
C ASP A 111 -5.50 -4.53 6.09
N PHE A 112 -6.57 -4.06 6.74
CA PHE A 112 -6.99 -4.65 8.00
C PHE A 112 -8.40 -5.23 8.23
N GLY A 113 -9.34 -5.02 7.33
CA GLY A 113 -10.69 -5.51 7.60
C GLY A 113 -11.25 -6.56 6.67
N VAL A 114 -12.32 -7.22 7.12
CA VAL A 114 -12.98 -8.26 6.32
C VAL A 114 -14.52 -8.19 6.47
N ASP A 115 -15.02 -7.38 7.39
CA ASP A 115 -16.47 -7.28 7.59
C ASP A 115 -16.95 -5.83 7.58
N VAL A 116 -18.05 -5.56 6.88
CA VAL A 116 -18.59 -4.20 6.77
C VAL A 116 -18.92 -3.60 8.12
N GLY A 117 -19.52 -4.43 8.97
CA GLY A 117 -19.89 -3.97 10.31
C GLY A 117 -18.68 -3.84 11.21
N ARG A 118 -17.56 -4.39 10.78
CA ARG A 118 -16.33 -4.30 11.59
C ARG A 118 -15.30 -3.71 10.62
N ASN A 119 -15.55 -2.48 10.16
CA ASN A 119 -14.68 -1.80 9.19
C ASN A 119 -13.75 -0.70 9.75
N ILE A 120 -13.41 -0.89 11.01
CA ILE A 120 -12.39 -0.13 11.71
C ILE A 120 -12.36 1.37 11.96
N ILE A 121 -12.75 2.13 10.95
CA ILE A 121 -12.63 3.56 11.04
C ILE A 121 -13.73 4.27 10.29
N HIS A 122 -14.05 5.48 10.75
CA HIS A 122 -15.03 6.32 10.07
C HIS A 122 -14.32 7.57 9.54
N GLY A 123 -14.69 8.00 8.34
CA GLY A 123 -14.12 9.22 7.77
C GLY A 123 -15.25 10.07 7.17
N SER A 124 -15.26 11.38 7.47
CA SER A 124 -16.30 12.29 6.91
C SER A 124 -16.29 12.22 5.37
N ASP A 125 -17.45 12.30 4.72
CA ASP A 125 -17.43 12.22 3.27
C ASP A 125 -17.50 13.51 2.46
N SER A 126 -17.65 14.65 3.10
CA SER A 126 -17.68 15.92 2.38
C SER A 126 -17.33 16.98 3.39
N VAL A 127 -16.92 18.15 2.92
CA VAL A 127 -16.58 19.26 3.81
C VAL A 127 -17.79 19.60 4.67
N GLU A 128 -18.97 19.49 4.07
CA GLU A 128 -20.22 19.76 4.75
C GLU A 128 -20.43 18.80 5.93
N SER A 129 -20.32 17.50 5.66
CA SER A 129 -20.50 16.52 6.72
C SER A 129 -19.33 16.59 7.69
N ALA A 130 -18.17 16.99 7.19
CA ALA A 130 -16.98 17.14 8.02
C ALA A 130 -17.21 18.21 9.08
N ASN A 131 -17.60 19.41 8.67
CA ASN A 131 -17.87 20.49 9.63
C ASN A 131 -18.96 20.09 10.62
N ARG A 132 -19.96 19.40 10.08
CA ARG A 132 -21.11 18.94 10.85
C ARG A 132 -20.60 18.00 11.93
N GLU A 133 -19.89 16.96 11.50
CA GLU A 133 -19.35 15.96 12.41
C GLU A 133 -18.32 16.49 13.39
N ILE A 134 -17.51 17.47 12.99
CA ILE A 134 -16.49 17.99 13.90
C ILE A 134 -17.14 18.71 15.07
N ALA A 135 -18.10 19.58 14.79
CA ALA A 135 -18.79 20.27 15.88
C ALA A 135 -19.48 19.21 16.74
N LEU A 136 -20.05 18.20 16.09
CA LEU A 136 -20.74 17.13 16.82
C LEU A 136 -19.84 16.47 17.86
N TRP A 137 -18.61 16.13 17.45
CA TRP A 137 -17.69 15.48 18.39
C TRP A 137 -16.73 16.39 19.16
N PHE A 138 -16.47 17.59 18.64
CA PHE A 138 -15.52 18.52 19.30
C PHE A 138 -16.00 19.94 19.58
N LYS A 139 -15.78 20.37 20.81
CA LYS A 139 -16.14 21.73 21.19
C LYS A 139 -14.99 22.55 20.57
N PRO A 140 -15.14 23.89 20.52
CA PRO A 140 -14.07 24.72 19.94
C PRO A 140 -12.75 24.69 20.71
N GLU A 141 -12.81 24.56 22.03
CA GLU A 141 -11.59 24.57 22.81
C GLU A 141 -10.71 23.33 22.70
N GLU A 142 -11.11 22.36 21.88
CA GLU A 142 -10.34 21.13 21.71
C GLU A 142 -9.69 21.12 20.33
N LEU A 143 -10.05 22.10 19.51
CA LEU A 143 -9.50 22.23 18.18
C LEU A 143 -8.37 23.26 18.19
N LEU A 144 -7.25 22.92 17.57
CA LEU A 144 -6.13 23.85 17.51
C LEU A 144 -6.44 24.95 16.54
N THR A 145 -5.90 26.12 16.83
CA THR A 145 -6.06 27.31 16.01
C THR A 145 -4.68 27.66 15.44
N GLU A 146 -3.66 27.34 16.23
CA GLU A 146 -2.27 27.58 15.84
C GLU A 146 -1.82 26.50 14.84
N VAL A 147 -2.18 26.69 13.58
CA VAL A 147 -1.81 25.73 12.56
C VAL A 147 -0.76 26.33 11.61
N LYS A 148 0.51 26.32 12.04
CA LYS A 148 1.57 26.86 11.18
C LYS A 148 1.83 25.86 10.06
N PRO A 149 1.56 26.24 8.80
CA PRO A 149 1.78 25.33 7.68
C PRO A 149 3.23 24.87 7.58
N ASN A 150 3.43 23.70 6.96
CA ASN A 150 4.78 23.17 6.81
C ASN A 150 5.33 23.50 5.43
N PRO A 151 6.39 24.34 5.37
CA PRO A 151 7.00 24.73 4.10
C PRO A 151 7.43 23.49 3.33
N ASN A 152 7.58 22.39 4.05
CA ASN A 152 7.98 21.13 3.44
C ASN A 152 6.81 20.43 2.75
N LEU A 153 5.58 20.66 3.23
CA LEU A 153 4.41 20.03 2.62
C LEU A 153 3.61 20.98 1.71
N TYR A 154 3.69 22.28 1.97
CA TYR A 154 2.98 23.26 1.15
C TYR A 154 3.84 24.28 0.43
N GLU A 155 3.60 24.36 -0.88
CA GLU A 155 4.31 25.30 -1.74
C GLU A 155 3.88 26.69 -1.28
N LYS B 5 -20.26 -15.81 0.84
CA LYS B 5 -20.87 -17.07 1.35
C LYS B 5 -20.90 -17.15 2.90
N VAL B 6 -19.79 -17.58 3.51
CA VAL B 6 -19.71 -17.72 4.97
C VAL B 6 -18.36 -17.24 5.49
N ASN B 7 -18.26 -17.06 6.81
CA ASN B 7 -17.03 -16.59 7.44
C ASN B 7 -15.98 -17.70 7.59
N LYS B 8 -16.30 -18.89 7.10
CA LYS B 8 -15.39 -20.02 7.18
C LYS B 8 -14.75 -20.37 5.84
N GLU B 9 -15.02 -19.55 4.82
CA GLU B 9 -14.39 -19.79 3.51
C GLU B 9 -12.89 -19.95 3.72
N ARG B 10 -12.24 -20.74 2.87
CA ARG B 10 -10.80 -20.98 2.97
C ARG B 10 -10.08 -20.86 1.62
N THR B 11 -8.78 -20.54 1.64
CA THR B 11 -8.07 -20.44 0.37
C THR B 11 -6.66 -20.99 0.51
N PHE B 12 -6.09 -21.45 -0.59
CA PHE B 12 -4.75 -22.01 -0.55
C PHE B 12 -3.78 -21.03 -1.10
N LEU B 13 -2.77 -20.72 -0.30
CA LEU B 13 -1.72 -19.78 -0.68
C LEU B 13 -0.36 -20.49 -0.56
N ALA B 14 0.59 -20.16 -1.40
CA ALA B 14 1.89 -20.79 -1.28
C ALA B 14 2.97 -19.77 -1.59
N VAL B 15 3.98 -19.71 -0.74
CA VAL B 15 5.12 -18.82 -0.98
C VAL B 15 6.01 -19.65 -1.87
N LYS B 16 6.08 -19.27 -3.15
CA LYS B 16 6.89 -19.96 -4.16
C LYS B 16 8.34 -19.95 -3.74
N PRO B 17 9.18 -20.80 -4.37
CA PRO B 17 10.60 -20.91 -4.09
C PRO B 17 11.36 -19.59 -4.04
N ASP B 18 11.03 -18.66 -4.95
CA ASP B 18 11.67 -17.35 -4.99
C ASP B 18 11.27 -16.54 -3.74
N GLY B 19 10.00 -16.60 -3.38
CA GLY B 19 9.53 -15.91 -2.19
C GLY B 19 10.23 -16.43 -0.95
N VAL B 20 10.39 -17.75 -0.84
CA VAL B 20 11.06 -18.29 0.34
C VAL B 20 12.55 -17.93 0.33
N ALA B 21 13.17 -18.01 -0.84
CA ALA B 21 14.59 -17.71 -0.97
C ALA B 21 14.94 -16.25 -0.64
N ARG B 22 14.03 -15.33 -0.96
CA ARG B 22 14.27 -13.92 -0.71
C ARG B 22 13.91 -13.48 0.69
N GLY B 23 13.42 -14.43 1.49
CA GLY B 23 13.05 -14.14 2.87
C GLY B 23 11.79 -13.32 2.97
N LEU B 24 10.73 -13.73 2.28
CA LEU B 24 9.48 -12.98 2.33
C LEU B 24 8.31 -13.73 2.99
N VAL B 25 8.60 -14.89 3.57
CA VAL B 25 7.59 -15.70 4.22
C VAL B 25 6.88 -14.94 5.35
N GLY B 26 7.65 -14.42 6.30
CA GLY B 26 7.07 -13.68 7.41
C GLY B 26 6.29 -12.45 6.97
N GLU B 27 6.84 -11.68 6.02
CA GLU B 27 6.16 -10.48 5.52
C GLU B 27 4.80 -10.87 4.96
N ILE B 28 4.78 -11.91 4.14
CA ILE B 28 3.54 -12.37 3.54
C ILE B 28 2.53 -12.90 4.55
N ILE B 29 2.96 -13.73 5.48
CA ILE B 29 2.01 -14.25 6.46
C ILE B 29 1.44 -13.10 7.31
N ALA B 30 2.30 -12.15 7.69
CA ALA B 30 1.90 -10.97 8.50
C ALA B 30 0.80 -10.19 7.80
N ARG B 31 0.92 -10.08 6.49
CA ARG B 31 -0.06 -9.33 5.76
C ARG B 31 -1.44 -9.96 5.88
N TYR B 32 -1.47 -11.29 5.77
CA TYR B 32 -2.73 -12.01 5.87
C TYR B 32 -3.27 -12.02 7.30
N GLU B 33 -2.37 -12.06 8.29
CA GLU B 33 -2.78 -12.02 9.69
C GLU B 33 -3.33 -10.64 10.02
N LYS B 34 -2.63 -9.58 9.61
CA LYS B 34 -3.08 -8.23 9.90
C LYS B 34 -4.46 -7.91 9.33
N LYS B 35 -4.78 -8.57 8.23
CA LYS B 35 -6.03 -8.38 7.51
C LYS B 35 -7.20 -9.05 8.27
N GLY B 36 -6.87 -10.01 9.13
CA GLY B 36 -7.92 -10.68 9.88
C GLY B 36 -8.22 -12.10 9.46
N PHE B 37 -7.39 -12.67 8.59
CA PHE B 37 -7.61 -14.04 8.14
C PHE B 37 -6.86 -14.98 9.08
N VAL B 38 -7.45 -16.14 9.34
CA VAL B 38 -6.86 -17.14 10.21
C VAL B 38 -6.13 -18.28 9.46
N LEU B 39 -4.94 -18.59 9.96
CA LEU B 39 -4.09 -19.64 9.44
C LEU B 39 -4.62 -20.98 9.96
N VAL B 40 -5.13 -21.80 9.07
CA VAL B 40 -5.64 -23.09 9.48
C VAL B 40 -4.73 -24.25 9.03
N GLY B 41 -3.70 -23.92 8.25
CA GLY B 41 -2.76 -24.92 7.76
C GLY B 41 -1.46 -24.23 7.38
N LEU B 42 -0.32 -24.93 7.50
CA LEU B 42 0.96 -24.30 7.19
C LEU B 42 2.12 -25.30 7.29
N LYS B 43 3.00 -25.27 6.32
CA LYS B 43 4.15 -26.16 6.37
C LYS B 43 5.10 -25.84 5.23
N GLN B 44 6.37 -26.13 5.44
CA GLN B 44 7.35 -25.91 4.38
C GLN B 44 7.69 -27.28 3.80
N LEU B 45 7.73 -27.37 2.47
CA LEU B 45 8.07 -28.61 1.78
C LEU B 45 8.69 -28.26 0.44
N VAL B 46 9.36 -29.23 -0.16
CA VAL B 46 9.92 -29.05 -1.48
C VAL B 46 8.95 -29.90 -2.30
N PRO B 47 8.08 -29.28 -3.10
CA PRO B 47 7.09 -30.01 -3.89
C PRO B 47 7.63 -31.06 -4.85
N THR B 48 6.85 -32.11 -5.05
CA THR B 48 7.19 -33.19 -5.98
C THR B 48 6.72 -32.72 -7.34
N LYS B 49 7.26 -33.31 -8.39
CA LYS B 49 6.86 -32.93 -9.75
C LYS B 49 5.39 -33.25 -9.98
N ASP B 50 4.91 -34.29 -9.31
CA ASP B 50 3.53 -34.70 -9.46
C ASP B 50 2.57 -33.77 -8.78
N LEU B 51 2.99 -33.21 -7.64
CA LEU B 51 2.17 -32.25 -6.90
C LEU B 51 2.07 -30.99 -7.73
N ALA B 52 3.23 -30.53 -8.20
CA ALA B 52 3.33 -29.35 -9.02
C ALA B 52 2.46 -29.41 -10.27
N GLU B 53 2.59 -30.51 -11.02
CA GLU B 53 1.84 -30.71 -12.26
C GLU B 53 0.36 -30.82 -12.01
N SER B 54 -0.01 -31.49 -10.93
CA SER B 54 -1.42 -31.64 -10.60
C SER B 54 -1.99 -30.31 -10.17
N HIS B 55 -1.19 -29.56 -9.44
CA HIS B 55 -1.62 -28.25 -8.94
C HIS B 55 -1.87 -27.25 -10.07
N TYR B 56 -0.99 -27.26 -11.07
CA TYR B 56 -1.10 -26.35 -12.18
C TYR B 56 -1.73 -27.03 -13.39
N ALA B 57 -2.43 -28.12 -13.09
CA ALA B 57 -3.11 -28.96 -14.08
C ALA B 57 -3.74 -28.16 -15.20
N GLU B 58 -4.51 -27.15 -14.82
CA GLU B 58 -5.21 -26.31 -15.77
C GLU B 58 -4.34 -25.71 -16.86
N HIS B 59 -3.03 -25.61 -16.60
CA HIS B 59 -2.08 -25.06 -17.58
C HIS B 59 -1.20 -26.19 -18.15
N LYS B 60 -1.66 -27.43 -17.98
CA LYS B 60 -0.94 -28.62 -18.41
C LYS B 60 -0.37 -28.59 -19.84
N GLU B 61 -1.07 -27.88 -20.72
CA GLU B 61 -0.66 -27.79 -22.12
C GLU B 61 0.09 -26.50 -22.44
N ARG B 62 -0.26 -25.42 -21.75
CA ARG B 62 0.38 -24.14 -21.98
C ARG B 62 1.91 -24.25 -21.95
N PRO B 63 2.61 -23.59 -22.89
CA PRO B 63 4.07 -23.57 -23.05
C PRO B 63 4.96 -23.26 -21.84
N PHE B 64 4.52 -22.37 -20.97
CA PHE B 64 5.31 -22.00 -19.78
C PHE B 64 5.21 -23.05 -18.68
N PHE B 65 4.38 -24.08 -18.92
CA PHE B 65 4.13 -25.16 -17.98
C PHE B 65 5.38 -25.89 -17.46
N GLY B 66 6.15 -26.45 -18.38
CA GLY B 66 7.34 -27.20 -18.00
C GLY B 66 8.25 -26.40 -17.09
N GLY B 67 8.57 -25.18 -17.48
CA GLY B 67 9.44 -24.34 -16.69
C GLY B 67 8.83 -24.07 -15.33
N LEU B 68 7.51 -23.85 -15.31
CA LEU B 68 6.79 -23.59 -14.09
C LEU B 68 6.93 -24.74 -13.11
N VAL B 69 6.61 -25.95 -13.54
CA VAL B 69 6.72 -27.14 -12.71
C VAL B 69 8.15 -27.33 -12.19
N SER B 70 9.12 -27.08 -13.06
CA SER B 70 10.52 -27.21 -12.72
C SER B 70 10.93 -26.27 -11.62
N PHE B 71 10.47 -25.01 -11.73
CA PHE B 71 10.79 -24.01 -10.73
C PHE B 71 10.11 -24.32 -9.39
N ILE B 72 8.80 -24.58 -9.42
CA ILE B 72 8.05 -24.89 -8.20
C ILE B 72 8.70 -26.02 -7.41
N THR B 73 9.42 -26.90 -8.10
CA THR B 73 10.05 -28.00 -7.42
C THR B 73 11.54 -27.79 -7.22
N SER B 74 12.04 -26.62 -7.56
CA SER B 74 13.47 -26.32 -7.41
C SER B 74 13.89 -25.87 -6.01
N GLY B 75 12.99 -25.95 -5.03
CA GLY B 75 13.35 -25.51 -3.69
C GLY B 75 12.18 -25.48 -2.75
N PRO B 76 12.42 -25.14 -1.47
CA PRO B 76 11.30 -25.11 -0.54
C PRO B 76 10.19 -24.13 -0.84
N VAL B 77 8.98 -24.55 -0.52
CA VAL B 77 7.78 -23.77 -0.71
C VAL B 77 7.09 -23.71 0.66
N VAL B 78 6.43 -22.59 0.98
CA VAL B 78 5.69 -22.52 2.24
C VAL B 78 4.23 -22.52 1.81
N ALA B 79 3.53 -23.59 2.13
CA ALA B 79 2.12 -23.73 1.79
C ALA B 79 1.32 -23.37 3.03
N MET B 80 0.12 -22.84 2.83
CA MET B 80 -0.75 -22.46 3.95
C MET B 80 -2.19 -22.30 3.49
N VAL B 81 -3.08 -22.25 4.47
CA VAL B 81 -4.49 -22.08 4.17
C VAL B 81 -5.01 -21.06 5.16
N PHE B 82 -5.69 -20.07 4.60
CA PHE B 82 -6.26 -19.01 5.37
C PHE B 82 -7.77 -19.06 5.26
N GLU B 83 -8.42 -18.78 6.37
CA GLU B 83 -9.86 -18.77 6.44
C GLU B 83 -10.44 -17.41 6.85
N GLY B 84 -11.53 -17.04 6.21
CA GLY B 84 -12.19 -15.78 6.53
C GLY B 84 -13.21 -15.50 5.45
N LYS B 85 -14.05 -14.49 5.68
CA LYS B 85 -15.07 -14.07 4.72
C LYS B 85 -14.43 -13.67 3.36
N GLY B 86 -14.93 -14.26 2.26
CA GLY B 86 -14.38 -13.94 0.95
C GLY B 86 -12.86 -13.93 0.88
N VAL B 87 -12.21 -14.85 1.59
CA VAL B 87 -10.74 -14.91 1.60
C VAL B 87 -10.10 -15.22 0.22
N VAL B 88 -10.73 -16.08 -0.59
CA VAL B 88 -10.20 -16.39 -1.93
C VAL B 88 -10.02 -15.12 -2.78
N ALA B 89 -11.07 -14.33 -2.96
CA ALA B 89 -10.96 -13.12 -3.76
C ALA B 89 -10.11 -12.04 -3.10
N SER B 90 -10.22 -11.91 -1.78
CA SER B 90 -9.44 -10.94 -1.02
C SER B 90 -7.94 -11.24 -1.13
N ALA B 91 -7.58 -12.49 -0.95
CA ALA B 91 -6.17 -12.90 -1.05
C ALA B 91 -5.59 -12.61 -2.42
N ARG B 92 -6.40 -12.76 -3.46
CA ARG B 92 -5.95 -12.47 -4.82
C ARG B 92 -5.73 -10.97 -5.01
N LEU B 93 -6.66 -10.18 -4.49
CA LEU B 93 -6.57 -8.74 -4.55
C LEU B 93 -5.26 -8.32 -3.88
N MET B 94 -4.93 -8.97 -2.75
CA MET B 94 -3.71 -8.64 -2.02
C MET B 94 -2.43 -9.03 -2.74
N ILE B 95 -2.50 -10.06 -3.55
CA ILE B 95 -1.33 -10.51 -4.30
C ILE B 95 -1.02 -9.59 -5.48
N GLY B 96 -2.05 -9.21 -6.23
CA GLY B 96 -1.85 -8.35 -7.40
C GLY B 96 -2.36 -9.00 -8.68
N VAL B 97 -1.57 -8.96 -9.74
CA VAL B 97 -1.98 -9.61 -10.99
C VAL B 97 -0.83 -10.52 -11.42
N THR B 98 -0.97 -11.20 -12.55
CA THR B 98 0.07 -12.13 -12.99
C THR B 98 1.44 -11.47 -13.11
N ASN B 99 1.49 -10.30 -13.74
CA ASN B 99 2.77 -9.62 -13.89
C ASN B 99 2.99 -8.68 -12.71
N PRO B 100 4.08 -8.87 -11.94
CA PRO B 100 4.43 -8.05 -10.78
C PRO B 100 4.52 -6.57 -11.16
N LEU B 101 5.02 -6.31 -12.36
CA LEU B 101 5.16 -4.95 -12.87
C LEU B 101 3.82 -4.22 -13.02
N ALA B 102 2.77 -4.99 -13.33
CA ALA B 102 1.42 -4.43 -13.48
C ALA B 102 0.69 -4.37 -12.12
N SER B 103 1.31 -4.97 -11.10
CA SER B 103 0.74 -5.01 -9.76
C SER B 103 0.89 -3.71 -9.01
N ALA B 104 -0.19 -3.29 -8.35
CA ALA B 104 -0.28 -2.06 -7.59
C ALA B 104 0.62 -1.95 -6.35
N PRO B 105 1.10 -0.74 -6.03
CA PRO B 105 1.94 -0.59 -4.84
C PRO B 105 0.95 -0.92 -3.72
N GLY B 106 1.39 -1.75 -2.77
CA GLY B 106 0.49 -2.18 -1.70
C GLY B 106 0.20 -3.68 -1.80
N SER B 107 0.14 -4.20 -3.02
CA SER B 107 -0.07 -5.64 -3.25
C SER B 107 1.27 -6.35 -3.03
N ILE B 108 1.26 -7.65 -2.82
CA ILE B 108 2.53 -8.35 -2.60
C ILE B 108 3.41 -8.38 -3.84
N ARG B 109 2.84 -8.78 -4.98
CA ARG B 109 3.64 -8.81 -6.21
C ARG B 109 4.04 -7.41 -6.64
N GLY B 110 3.21 -6.43 -6.29
CA GLY B 110 3.48 -5.05 -6.64
C GLY B 110 4.62 -4.48 -5.82
N ASP B 111 4.67 -4.87 -4.56
CA ASP B 111 5.71 -4.40 -3.65
C ASP B 111 7.05 -5.15 -3.82
N PHE B 112 7.05 -6.39 -4.28
CA PHE B 112 8.32 -7.12 -4.31
C PHE B 112 8.80 -7.80 -5.60
N GLY B 113 7.94 -7.92 -6.61
CA GLY B 113 8.32 -8.61 -7.83
C GLY B 113 8.50 -7.79 -9.10
N VAL B 114 9.08 -8.44 -10.11
CA VAL B 114 9.36 -7.74 -11.37
C VAL B 114 9.38 -8.68 -12.58
N ASP B 115 9.19 -9.96 -12.34
CA ASP B 115 9.25 -10.94 -13.40
C ASP B 115 8.11 -11.93 -13.16
N VAL B 116 7.38 -12.27 -14.22
CA VAL B 116 6.26 -13.18 -14.12
C VAL B 116 6.65 -14.57 -13.54
N GLY B 117 7.81 -15.09 -13.96
CA GLY B 117 8.25 -16.39 -13.49
C GLY B 117 8.82 -16.41 -12.08
N ARG B 118 8.94 -15.23 -11.50
CA ARG B 118 9.43 -15.06 -10.15
C ARG B 118 8.45 -14.10 -9.54
N ASN B 119 7.18 -14.49 -9.48
CA ASN B 119 6.18 -13.62 -8.88
C ASN B 119 5.79 -13.94 -7.44
N ILE B 120 6.75 -14.49 -6.71
CA ILE B 120 6.59 -14.68 -5.26
C ILE B 120 5.57 -15.59 -4.57
N ILE B 121 4.32 -15.57 -5.02
CA ILE B 121 3.27 -16.31 -4.35
C ILE B 121 2.13 -16.76 -5.29
N HIS B 122 1.35 -17.71 -4.81
CA HIS B 122 0.22 -18.23 -5.56
C HIS B 122 -0.97 -18.21 -4.63
N GLY B 123 -2.13 -17.85 -5.16
CA GLY B 123 -3.34 -17.84 -4.37
C GLY B 123 -4.40 -18.52 -5.22
N SER B 124 -5.25 -19.33 -4.61
CA SER B 124 -6.32 -20.02 -5.33
C SER B 124 -7.18 -18.95 -5.99
N ASP B 125 -7.86 -19.27 -7.09
CA ASP B 125 -8.70 -18.24 -7.72
C ASP B 125 -10.21 -18.40 -7.55
N SER B 126 -10.64 -19.48 -6.91
CA SER B 126 -12.05 -19.65 -6.67
C SER B 126 -12.20 -20.60 -5.50
N VAL B 127 -13.40 -20.62 -4.93
CA VAL B 127 -13.71 -21.49 -3.83
C VAL B 127 -13.48 -22.92 -4.30
N GLU B 128 -13.86 -23.22 -5.54
CA GLU B 128 -13.68 -24.57 -6.08
C GLU B 128 -12.21 -24.90 -6.29
N SER B 129 -11.45 -24.01 -6.91
CA SER B 129 -10.02 -24.30 -7.10
C SER B 129 -9.32 -24.32 -5.72
N ALA B 130 -9.80 -23.49 -4.79
CA ALA B 130 -9.22 -23.44 -3.45
C ALA B 130 -9.46 -24.75 -2.72
N ASN B 131 -10.67 -25.29 -2.83
CA ASN B 131 -10.97 -26.53 -2.13
C ASN B 131 -10.16 -27.69 -2.69
N ARG B 132 -9.96 -27.68 -4.00
CA ARG B 132 -9.18 -28.72 -4.68
C ARG B 132 -7.72 -28.59 -4.24
N GLU B 133 -7.22 -27.37 -4.35
CA GLU B 133 -5.84 -27.07 -3.95
C GLU B 133 -5.55 -27.39 -2.50
N ILE B 134 -6.42 -26.98 -1.58
CA ILE B 134 -6.20 -27.31 -0.17
C ILE B 134 -6.04 -28.84 -0.05
N ALA B 135 -6.92 -29.58 -0.71
CA ALA B 135 -6.91 -31.04 -0.70
C ALA B 135 -5.61 -31.67 -1.15
N LEU B 136 -5.00 -31.11 -2.20
CA LEU B 136 -3.75 -31.61 -2.77
C LEU B 136 -2.54 -31.41 -1.88
N TRP B 137 -2.51 -30.31 -1.16
CA TRP B 137 -1.37 -30.01 -0.33
C TRP B 137 -1.45 -30.33 1.16
N PHE B 138 -2.67 -30.49 1.68
CA PHE B 138 -2.85 -30.79 3.10
C PHE B 138 -3.76 -31.98 3.38
N LYS B 139 -3.33 -32.83 4.31
CA LYS B 139 -4.12 -33.96 4.75
C LYS B 139 -5.07 -33.29 5.75
N PRO B 140 -6.31 -33.78 5.85
CA PRO B 140 -7.27 -33.18 6.78
C PRO B 140 -6.73 -32.91 8.18
N GLU B 141 -5.96 -33.85 8.73
CA GLU B 141 -5.39 -33.68 10.06
C GLU B 141 -4.53 -32.42 10.23
N GLU B 142 -3.88 -31.99 9.15
CA GLU B 142 -3.03 -30.80 9.21
C GLU B 142 -3.83 -29.50 9.28
N LEU B 143 -5.12 -29.58 8.95
CA LEU B 143 -5.98 -28.41 8.98
C LEU B 143 -6.76 -28.24 10.27
N LEU B 144 -6.79 -27.02 10.78
CA LEU B 144 -7.53 -26.73 12.00
C LEU B 144 -9.00 -26.98 11.79
N THR B 145 -9.69 -27.38 12.83
CA THR B 145 -11.12 -27.62 12.74
C THR B 145 -11.83 -26.56 13.58
N GLU B 146 -11.35 -26.34 14.81
CA GLU B 146 -11.96 -25.36 15.68
C GLU B 146 -11.39 -23.97 15.37
N VAL B 147 -12.29 -23.01 15.13
CA VAL B 147 -11.93 -21.61 14.84
C VAL B 147 -12.94 -20.64 15.47
N LYS B 148 -12.59 -20.06 16.61
CA LYS B 148 -13.48 -19.11 17.30
C LYS B 148 -13.55 -17.81 16.50
N PRO B 149 -14.69 -17.54 15.83
CA PRO B 149 -14.74 -16.29 15.08
C PRO B 149 -14.39 -15.17 16.05
N ASN B 150 -13.57 -14.23 15.60
CA ASN B 150 -13.15 -13.11 16.43
C ASN B 150 -14.27 -12.08 16.39
N PRO B 151 -14.77 -11.67 17.56
CA PRO B 151 -15.84 -10.66 17.52
C PRO B 151 -15.34 -9.29 17.04
N ASN B 152 -14.04 -9.05 17.13
CA ASN B 152 -13.48 -7.77 16.67
C ASN B 152 -13.38 -7.72 15.14
N LEU B 153 -13.46 -8.89 14.51
CA LEU B 153 -13.35 -8.99 13.07
C LEU B 153 -14.68 -9.19 12.38
N TYR B 154 -15.55 -9.96 13.02
CA TYR B 154 -16.86 -10.27 12.45
C TYR B 154 -18.01 -9.84 13.34
N GLU B 155 -19.03 -9.32 12.69
CA GLU B 155 -20.23 -8.86 13.37
C GLU B 155 -21.01 -10.10 13.82
N VAL C 6 14.77 -6.01 -22.03
CA VAL C 6 15.86 -6.66 -21.26
C VAL C 6 15.85 -6.15 -19.84
N ASN C 7 16.21 -7.05 -18.93
CA ASN C 7 16.26 -6.71 -17.52
C ASN C 7 17.35 -5.69 -17.20
N LYS C 8 17.79 -4.94 -18.21
CA LYS C 8 18.85 -3.93 -18.04
C LYS C 8 18.42 -2.46 -18.03
N GLU C 9 17.15 -2.22 -18.35
CA GLU C 9 16.57 -0.86 -18.37
C GLU C 9 16.89 -0.08 -17.10
N ARG C 10 17.04 1.23 -17.23
CA ARG C 10 17.37 2.07 -16.11
C ARG C 10 16.49 3.29 -16.05
N THR C 11 16.37 3.89 -14.86
CA THR C 11 15.58 5.10 -14.73
C THR C 11 16.24 6.05 -13.73
N PHE C 12 16.05 7.33 -13.97
CA PHE C 12 16.57 8.33 -13.07
C PHE C 12 15.47 8.71 -12.07
N LEU C 13 15.85 8.90 -10.82
CA LEU C 13 14.89 9.28 -9.77
C LEU C 13 15.65 10.18 -8.82
N ALA C 14 14.98 11.18 -8.28
CA ALA C 14 15.61 12.06 -7.33
C ALA C 14 14.65 12.44 -6.22
N VAL C 15 15.14 12.44 -5.00
CA VAL C 15 14.35 12.82 -3.86
C VAL C 15 14.56 14.35 -3.75
N LYS C 16 13.48 15.10 -3.88
CA LYS C 16 13.58 16.55 -3.81
C LYS C 16 13.87 17.10 -2.43
N PRO C 17 14.17 18.42 -2.33
CA PRO C 17 14.49 19.06 -1.06
C PRO C 17 13.48 18.77 0.03
N ASP C 18 12.20 18.73 -0.32
CA ASP C 18 11.17 18.41 0.67
C ASP C 18 11.31 16.97 1.16
N GLY C 19 11.40 16.02 0.24
CA GLY C 19 11.57 14.63 0.65
C GLY C 19 12.82 14.47 1.47
N VAL C 20 13.90 15.10 1.05
CA VAL C 20 15.15 15.02 1.81
C VAL C 20 14.96 15.70 3.18
N ALA C 21 14.47 16.93 3.18
CA ALA C 21 14.27 17.71 4.41
C ALA C 21 13.36 16.98 5.40
N ARG C 22 12.41 16.24 4.85
CA ARG C 22 11.46 15.48 5.65
C ARG C 22 11.96 14.10 6.09
N GLY C 23 13.19 13.75 5.72
CA GLY C 23 13.75 12.46 6.07
C GLY C 23 13.11 11.24 5.40
N LEU C 24 12.92 11.29 4.08
CA LEU C 24 12.27 10.18 3.37
C LEU C 24 13.17 9.46 2.38
N VAL C 25 14.44 9.84 2.34
CA VAL C 25 15.41 9.23 1.43
C VAL C 25 15.52 7.72 1.61
N GLY C 26 15.74 7.26 2.85
CA GLY C 26 15.85 5.85 3.13
C GLY C 26 14.55 5.12 2.84
N GLU C 27 13.43 5.67 3.31
CA GLU C 27 12.15 5.04 3.07
C GLU C 27 11.97 4.86 1.55
N ILE C 28 12.29 5.89 0.77
CA ILE C 28 12.14 5.80 -0.69
C ILE C 28 13.11 4.82 -1.37
N ILE C 29 14.38 4.86 -0.96
CA ILE C 29 15.35 3.94 -1.53
C ILE C 29 14.91 2.49 -1.20
N ALA C 30 14.47 2.29 0.04
CA ALA C 30 14.04 0.97 0.52
C ALA C 30 12.88 0.40 -0.30
N ARG C 31 11.96 1.25 -0.73
CA ARG C 31 10.86 0.77 -1.52
C ARG C 31 11.30 0.15 -2.83
N TYR C 32 12.28 0.78 -3.48
CA TYR C 32 12.81 0.26 -4.74
C TYR C 32 13.70 -0.97 -4.53
N GLU C 33 14.43 -1.01 -3.43
CA GLU C 33 15.26 -2.17 -3.15
C GLU C 33 14.33 -3.39 -2.98
N LYS C 34 13.29 -3.24 -2.15
CA LYS C 34 12.32 -4.29 -1.87
C LYS C 34 11.65 -4.86 -3.09
N LYS C 35 11.36 -3.97 -4.03
CA LYS C 35 10.74 -4.29 -5.30
C LYS C 35 11.61 -5.16 -6.15
N GLY C 36 12.92 -5.05 -5.97
CA GLY C 36 13.86 -5.86 -6.75
C GLY C 36 14.82 -5.02 -7.62
N PHE C 37 14.68 -3.69 -7.60
CA PHE C 37 15.55 -2.85 -8.44
C PHE C 37 16.93 -2.60 -7.84
N VAL C 38 17.93 -2.54 -8.71
CA VAL C 38 19.30 -2.33 -8.26
C VAL C 38 19.83 -0.91 -8.46
N LEU C 39 20.32 -0.34 -7.38
CA LEU C 39 20.87 1.00 -7.37
C LEU C 39 22.19 0.95 -8.12
N VAL C 40 22.28 1.64 -9.26
CA VAL C 40 23.54 1.67 -10.01
C VAL C 40 24.16 3.06 -10.03
N GLY C 41 23.62 3.94 -9.20
CA GLY C 41 24.12 5.30 -9.08
C GLY C 41 23.43 6.00 -7.92
N LEU C 42 24.19 6.76 -7.12
CA LEU C 42 23.62 7.46 -5.97
C LEU C 42 24.54 8.58 -5.45
N LYS C 43 23.94 9.71 -5.11
CA LYS C 43 24.71 10.83 -4.57
C LYS C 43 23.77 11.96 -4.16
N GLN C 44 24.15 12.68 -3.13
CA GLN C 44 23.36 13.81 -2.70
C GLN C 44 24.09 15.05 -3.20
N LEU C 45 23.38 16.14 -3.39
CA LEU C 45 23.97 17.37 -3.88
C LEU C 45 22.97 18.52 -3.78
N VAL C 46 23.47 19.72 -4.00
CA VAL C 46 22.64 20.92 -3.98
C VAL C 46 22.74 21.36 -5.43
N PRO C 47 21.78 20.90 -6.27
CA PRO C 47 21.67 21.18 -7.70
C PRO C 47 21.90 22.64 -8.09
N THR C 48 22.51 22.82 -9.25
CA THR C 48 22.80 24.14 -9.80
C THR C 48 21.58 24.59 -10.63
N LYS C 49 21.49 25.89 -10.89
CA LYS C 49 20.40 26.45 -11.67
C LYS C 49 20.42 25.81 -13.06
N ASP C 50 21.62 25.60 -13.58
CA ASP C 50 21.81 24.96 -14.89
C ASP C 50 21.21 23.57 -14.90
N LEU C 51 21.58 22.79 -13.88
CA LEU C 51 21.08 21.43 -13.76
C LEU C 51 19.56 21.45 -13.70
N ALA C 52 19.04 22.19 -12.72
CA ALA C 52 17.59 22.30 -12.53
C ALA C 52 16.84 22.72 -13.80
N GLU C 53 17.24 23.85 -14.39
CA GLU C 53 16.61 24.37 -15.60
C GLU C 53 16.75 23.40 -16.77
N SER C 54 17.89 22.73 -16.84
CA SER C 54 18.17 21.75 -17.89
C SER C 54 17.31 20.49 -17.67
N HIS C 55 17.29 19.97 -16.44
CA HIS C 55 16.50 18.78 -16.08
C HIS C 55 15.03 18.96 -16.47
N TYR C 56 14.46 20.08 -16.04
CA TYR C 56 13.06 20.40 -16.33
C TYR C 56 12.98 21.23 -17.60
N ALA C 57 13.77 20.85 -18.60
CA ALA C 57 13.81 21.57 -19.87
C ALA C 57 12.61 21.34 -20.78
N GLU C 58 11.64 20.52 -20.36
CA GLU C 58 10.46 20.29 -21.20
C GLU C 58 9.32 21.21 -20.72
N HIS C 59 9.55 21.89 -19.61
CA HIS C 59 8.57 22.82 -19.01
C HIS C 59 9.17 24.22 -18.96
N LYS C 60 9.74 24.65 -20.08
CA LYS C 60 10.34 25.98 -20.18
C LYS C 60 9.26 27.05 -20.18
N GLU C 61 8.33 26.93 -21.13
CA GLU C 61 7.23 27.88 -21.26
C GLU C 61 6.27 27.82 -20.06
N ARG C 62 6.01 26.62 -19.57
CA ARG C 62 5.13 26.42 -18.42
C ARG C 62 5.45 27.43 -17.32
N PRO C 63 4.42 27.97 -16.65
CA PRO C 63 4.62 28.96 -15.57
C PRO C 63 5.50 28.48 -14.43
N PHE C 64 4.94 27.63 -13.58
CA PHE C 64 5.62 27.05 -12.41
C PHE C 64 7.12 26.76 -12.58
N PHE C 65 7.59 26.74 -13.83
CA PHE C 65 9.00 26.49 -14.15
C PHE C 65 9.96 27.23 -13.24
N GLY C 66 9.66 28.50 -12.95
CA GLY C 66 10.53 29.28 -12.10
C GLY C 66 10.63 28.70 -10.70
N GLY C 67 9.49 28.64 -10.03
CA GLY C 67 9.45 28.08 -8.68
C GLY C 67 9.99 26.66 -8.67
N LEU C 68 9.66 25.89 -9.71
CA LEU C 68 10.12 24.52 -9.81
C LEU C 68 11.66 24.54 -9.83
N VAL C 69 12.23 25.09 -10.91
CA VAL C 69 13.68 25.20 -11.04
C VAL C 69 14.29 25.72 -9.75
N SER C 70 13.64 26.73 -9.18
CA SER C 70 14.14 27.34 -7.96
C SER C 70 14.02 26.53 -6.68
N PHE C 71 12.97 25.72 -6.56
CA PHE C 71 12.80 24.92 -5.35
C PHE C 71 13.85 23.81 -5.30
N ILE C 72 14.00 23.14 -6.45
CA ILE C 72 14.94 22.04 -6.62
C ILE C 72 16.38 22.47 -6.32
N THR C 73 16.66 23.76 -6.42
CA THR C 73 18.00 24.25 -6.13
C THR C 73 18.03 24.85 -4.73
N SER C 74 16.88 24.78 -4.03
CA SER C 74 16.78 25.34 -2.70
C SER C 74 17.43 24.54 -1.57
N GLY C 75 17.88 23.32 -1.87
CA GLY C 75 18.53 22.52 -0.83
C GLY C 75 18.92 21.14 -1.33
N PRO C 76 19.54 20.30 -0.47
CA PRO C 76 19.98 18.95 -0.79
C PRO C 76 18.96 18.05 -1.50
N VAL C 77 19.45 17.38 -2.54
CA VAL C 77 18.68 16.48 -3.38
C VAL C 77 19.43 15.16 -3.51
N VAL C 78 18.73 14.05 -3.25
CA VAL C 78 19.38 12.75 -3.37
C VAL C 78 19.02 12.16 -4.73
N ALA C 79 20.00 12.18 -5.65
CA ALA C 79 19.83 11.65 -7.00
C ALA C 79 20.28 10.20 -7.04
N MET C 80 19.68 9.43 -7.95
CA MET C 80 19.97 8.00 -8.08
C MET C 80 19.48 7.39 -9.41
N VAL C 81 20.07 6.27 -9.80
CA VAL C 81 19.67 5.55 -11.00
C VAL C 81 19.43 4.08 -10.60
N PHE C 82 18.22 3.61 -10.87
CA PHE C 82 17.87 2.24 -10.52
C PHE C 82 17.74 1.45 -11.79
N GLU C 83 18.17 0.21 -11.75
CA GLU C 83 18.13 -0.68 -12.91
C GLU C 83 17.28 -1.93 -12.67
N GLY C 84 16.47 -2.27 -13.65
CA GLY C 84 15.66 -3.45 -13.50
C GLY C 84 14.81 -3.64 -14.72
N LYS C 85 14.05 -4.72 -14.72
CA LYS C 85 13.17 -5.00 -15.84
C LYS C 85 11.96 -4.08 -15.78
N GLY C 86 11.82 -3.24 -16.81
CA GLY C 86 10.71 -2.30 -16.90
C GLY C 86 10.66 -1.31 -15.75
N VAL C 87 11.84 -0.94 -15.26
CA VAL C 87 11.98 -0.02 -14.14
C VAL C 87 11.46 1.41 -14.35
N VAL C 88 11.45 1.90 -15.59
CA VAL C 88 10.97 3.26 -15.78
C VAL C 88 9.47 3.38 -15.46
N ALA C 89 8.66 2.56 -16.12
CA ALA C 89 7.23 2.59 -15.90
C ALA C 89 6.87 2.17 -14.48
N SER C 90 7.52 1.11 -13.97
CA SER C 90 7.26 0.62 -12.63
C SER C 90 7.45 1.67 -11.55
N ALA C 91 8.57 2.39 -11.62
CA ALA C 91 8.89 3.43 -10.65
C ALA C 91 7.88 4.59 -10.63
N ARG C 92 7.34 4.96 -11.79
CA ARG C 92 6.35 6.04 -11.81
C ARG C 92 5.07 5.54 -11.15
N LEU C 93 4.75 4.28 -11.41
CA LEU C 93 3.59 3.65 -10.82
C LEU C 93 3.78 3.70 -9.29
N MET C 94 4.96 3.26 -8.84
CA MET C 94 5.28 3.27 -7.41
C MET C 94 5.30 4.70 -6.85
N ILE C 95 5.44 5.69 -7.74
CA ILE C 95 5.43 7.07 -7.30
C ILE C 95 4.00 7.62 -7.11
N GLY C 96 3.10 7.32 -8.04
CA GLY C 96 1.73 7.81 -7.95
C GLY C 96 1.37 8.69 -9.15
N VAL C 97 0.87 9.90 -8.88
CA VAL C 97 0.54 10.86 -9.92
C VAL C 97 1.02 12.26 -9.54
N THR C 98 1.11 13.13 -10.53
CA THR C 98 1.57 14.48 -10.33
C THR C 98 1.02 15.05 -9.03
N ASN C 99 -0.28 14.87 -8.85
CA ASN C 99 -1.01 15.36 -7.68
C ASN C 99 -0.98 14.29 -6.57
N PRO C 100 -0.40 14.62 -5.38
CA PRO C 100 -0.29 13.72 -4.22
C PRO C 100 -1.63 13.31 -3.61
N LEU C 101 -2.63 14.18 -3.70
CA LEU C 101 -3.95 13.86 -3.18
C LEU C 101 -4.67 12.81 -4.02
N ALA C 102 -4.34 12.74 -5.31
CA ALA C 102 -4.97 11.80 -6.21
C ALA C 102 -4.11 10.56 -6.35
N SER C 103 -3.05 10.51 -5.55
CA SER C 103 -2.14 9.39 -5.60
C SER C 103 -2.66 8.33 -4.67
N ALA C 104 -2.76 7.12 -5.20
CA ALA C 104 -3.27 5.98 -4.46
C ALA C 104 -2.43 5.52 -3.28
N PRO C 105 -3.10 5.12 -2.19
CA PRO C 105 -2.46 4.64 -0.95
C PRO C 105 -1.51 3.53 -1.37
N GLY C 106 -0.30 3.54 -0.81
CA GLY C 106 0.70 2.56 -1.17
C GLY C 106 1.77 3.24 -2.03
N SER C 107 1.39 4.23 -2.81
CA SER C 107 2.36 4.93 -3.65
C SER C 107 3.14 5.92 -2.80
N ILE C 108 4.29 6.36 -3.28
CA ILE C 108 5.09 7.30 -2.51
C ILE C 108 4.38 8.64 -2.31
N ARG C 109 3.86 9.18 -3.41
CA ARG C 109 3.15 10.45 -3.32
C ARG C 109 1.86 10.28 -2.53
N GLY C 110 1.18 9.15 -2.77
CA GLY C 110 -0.06 8.83 -2.08
C GLY C 110 0.13 8.72 -0.58
N ASP C 111 1.21 8.09 -0.16
CA ASP C 111 1.49 7.91 1.27
C ASP C 111 2.03 9.10 2.00
N PHE C 112 2.76 9.96 1.31
CA PHE C 112 3.42 11.06 1.98
C PHE C 112 3.17 12.55 1.64
N GLY C 113 2.47 12.87 0.56
CA GLY C 113 2.31 14.29 0.25
C GLY C 113 0.91 14.82 0.09
N VAL C 114 0.81 16.11 -0.19
CA VAL C 114 -0.49 16.76 -0.37
C VAL C 114 -0.48 17.87 -1.43
N ASP C 115 0.67 18.51 -1.61
CA ASP C 115 0.85 19.62 -2.54
C ASP C 115 1.56 19.17 -3.82
N VAL C 116 1.03 19.56 -4.97
CA VAL C 116 1.65 19.22 -6.25
C VAL C 116 2.99 19.90 -6.36
N GLY C 117 3.19 20.92 -5.53
CA GLY C 117 4.43 21.66 -5.54
C GLY C 117 5.52 20.94 -4.77
N ARG C 118 5.12 20.30 -3.67
CA ARG C 118 5.98 19.55 -2.78
C ARG C 118 5.65 18.05 -2.86
N ASN C 119 5.67 17.51 -4.08
CA ASN C 119 5.37 16.10 -4.27
C ASN C 119 6.58 15.15 -4.11
N ILE C 120 7.50 15.53 -3.21
CA ILE C 120 8.64 14.70 -2.77
C ILE C 120 9.69 14.02 -3.66
N ILE C 121 9.28 13.44 -4.78
CA ILE C 121 10.23 12.73 -5.64
C ILE C 121 9.94 12.94 -7.11
N HIS C 122 10.97 12.73 -7.94
CA HIS C 122 10.82 12.81 -9.40
C HIS C 122 11.34 11.48 -9.91
N GLY C 123 10.68 10.99 -10.94
CA GLY C 123 11.08 9.76 -11.58
C GLY C 123 10.90 9.96 -13.07
N SER C 124 11.88 9.56 -13.87
CA SER C 124 11.80 9.69 -15.32
C SER C 124 10.40 9.25 -15.75
N ASP C 125 10.02 9.57 -16.99
CA ASP C 125 8.70 9.18 -17.48
C ASP C 125 8.76 8.32 -18.74
N SER C 126 9.98 8.03 -19.22
CA SER C 126 10.19 7.20 -20.39
C SER C 126 11.66 6.75 -20.42
N VAL C 127 11.99 5.84 -21.33
CA VAL C 127 13.37 5.39 -21.45
C VAL C 127 14.25 6.49 -22.04
N GLU C 128 13.68 7.28 -22.95
CA GLU C 128 14.42 8.38 -23.55
C GLU C 128 14.70 9.47 -22.49
N SER C 129 13.67 9.89 -21.78
CA SER C 129 13.86 10.89 -20.73
C SER C 129 14.76 10.31 -19.64
N ALA C 130 14.64 9.01 -19.39
CA ALA C 130 15.49 8.36 -18.40
C ALA C 130 16.94 8.49 -18.85
N ASN C 131 17.23 8.11 -20.07
CA ASN C 131 18.60 8.17 -20.58
C ASN C 131 19.17 9.57 -20.60
N ARG C 132 18.32 10.53 -20.99
CA ARG C 132 18.71 11.94 -21.07
C ARG C 132 19.04 12.45 -19.68
N GLU C 133 18.15 12.16 -18.74
CA GLU C 133 18.30 12.57 -17.36
C GLU C 133 19.51 11.96 -16.65
N ILE C 134 19.73 10.65 -16.82
CA ILE C 134 20.88 10.02 -16.16
C ILE C 134 22.18 10.60 -16.69
N ALA C 135 22.23 10.79 -18.00
CA ALA C 135 23.39 11.37 -18.66
C ALA C 135 23.65 12.72 -18.06
N LEU C 136 22.59 13.40 -17.65
CA LEU C 136 22.70 14.73 -17.07
C LEU C 136 23.13 14.83 -15.62
N TRP C 137 22.66 13.91 -14.76
CA TRP C 137 22.99 13.99 -13.34
C TRP C 137 24.26 13.25 -12.91
N PHE C 138 24.61 12.19 -13.63
CA PHE C 138 25.76 11.36 -13.29
C PHE C 138 26.81 11.22 -14.39
N LYS C 139 28.07 11.24 -14.00
CA LYS C 139 29.15 11.02 -14.97
C LYS C 139 29.13 9.48 -15.10
N PRO C 140 29.53 8.94 -16.26
CA PRO C 140 29.56 7.49 -16.48
C PRO C 140 30.37 6.69 -15.45
N GLU C 141 31.41 7.29 -14.87
CA GLU C 141 32.22 6.60 -13.87
C GLU C 141 31.49 6.50 -12.52
N GLU C 142 30.33 7.16 -12.42
CA GLU C 142 29.51 7.16 -11.22
C GLU C 142 28.44 6.06 -11.24
N LEU C 143 28.26 5.43 -12.41
CA LEU C 143 27.27 4.37 -12.58
C LEU C 143 27.94 3.01 -12.58
N LEU C 144 27.30 2.03 -11.93
CA LEU C 144 27.83 0.67 -11.89
C LEU C 144 27.69 0.07 -13.28
N THR C 145 28.58 -0.85 -13.62
CA THR C 145 28.53 -1.46 -14.94
C THR C 145 28.20 -2.94 -14.94
N GLU C 146 28.88 -3.67 -14.07
CA GLU C 146 28.67 -5.11 -13.97
C GLU C 146 27.58 -5.39 -12.94
N VAL C 147 26.34 -5.51 -13.42
CA VAL C 147 25.21 -5.80 -12.54
C VAL C 147 24.72 -7.21 -12.86
N LYS C 148 25.00 -8.13 -11.95
CA LYS C 148 24.62 -9.55 -12.04
C LYS C 148 23.10 -9.77 -11.88
N PRO C 149 22.46 -10.48 -12.85
CA PRO C 149 21.00 -10.73 -12.79
C PRO C 149 20.50 -11.75 -11.73
N ASN C 150 20.02 -11.24 -10.60
CA ASN C 150 19.52 -12.08 -9.48
C ASN C 150 18.69 -13.29 -9.90
N PRO C 151 19.08 -14.50 -9.45
CA PRO C 151 18.31 -15.70 -9.81
C PRO C 151 16.94 -15.77 -9.16
N ASN C 152 16.76 -15.06 -8.06
CA ASN C 152 15.48 -15.04 -7.36
C ASN C 152 14.51 -14.04 -7.96
N LEU C 153 15.05 -12.97 -8.53
CA LEU C 153 14.20 -11.95 -9.14
C LEU C 153 13.91 -12.22 -10.62
N TYR C 154 14.93 -12.65 -11.34
CA TYR C 154 14.78 -12.91 -12.76
C TYR C 154 14.83 -14.38 -13.16
N GLU C 155 14.04 -14.69 -14.17
CA GLU C 155 13.96 -16.04 -14.68
C GLU C 155 15.19 -16.39 -15.54
MG MG D . -20.82 7.06 4.09
PB TBD E . -18.84 4.34 5.12
O1B TBD E . -18.46 4.19 6.56
O2B TBD E . -19.13 5.69 4.61
O3B TBD E . -17.94 3.48 4.31
O3A TBD E . -20.22 3.54 5.01
PA TBD E . -21.79 3.85 5.00
B1A TBD E . -22.56 2.76 3.62
O2A TBD E . -21.96 5.31 4.95
O5' TBD E . -22.35 3.31 6.39
C5' TBD E . -21.82 3.74 7.64
C4' TBD E . -21.31 2.55 8.43
O4' TBD E . -22.41 1.65 8.72
C1' TBD E . -21.91 0.34 8.89
N1 TBD E . -22.70 -0.59 8.07
C6 TBD E . -23.07 -0.26 6.78
C2 TBD E . -23.04 -1.82 8.62
O2 TBD E . -22.72 -2.15 9.75
N3 TBD E . -23.75 -2.64 7.80
C4 TBD E . -24.13 -2.39 6.50
O4 TBD E . -24.72 -3.25 5.87
C5 TBD E . -23.75 -1.08 5.98
C5A TBD E . -24.11 -0.72 4.58
C2' TBD E . -20.43 0.34 8.50
C3' TBD E . -20.32 1.65 7.70
O3' TBD E . -19.00 2.17 7.81
MG MG F . -4.37 -18.32 -12.34
PB TBD G . -1.60 -16.31 -11.61
O1B TBD G . -0.53 -16.98 -10.82
O2B TBD G . -2.97 -16.84 -11.50
O3B TBD G . -1.42 -14.84 -11.49
O3A TBD G . -1.16 -16.61 -13.12
PA TBD G . -1.49 -17.76 -14.19
B1A TBD G . -1.78 -16.89 -15.87
O2A TBD G . -2.56 -18.63 -13.63
O5' TBD G . -0.15 -18.63 -14.29
C5' TBD G . 0.29 -19.44 -13.19
C4' TBD G . 1.75 -19.16 -12.85
O4' TBD G . 2.59 -19.55 -13.97
C1' TBD G . 3.76 -18.74 -13.99
N1 TBD G . 3.91 -18.13 -15.34
C6 TBD G . 2.78 -17.76 -16.04
C2 TBD G . 5.18 -17.97 -15.87
O2 TBD G . 6.22 -18.28 -15.29
N3 TBD G . 5.19 -17.40 -17.13
C4 TBD G . 4.10 -17.00 -17.88
O4 TBD G . 4.27 -16.48 -18.99
C5 TBD G . 2.81 -17.21 -17.26
C5A TBD G . 1.58 -16.81 -18.01
C2' TBD G . 3.65 -17.72 -12.85
C3' TBD G . 2.13 -17.70 -12.61
O3' TBD G . 1.83 -17.36 -11.26
MG MG H . 7.32 14.40 -16.72
PB TBD I . 5.65 14.56 -12.83
O1B TBD I . 6.44 15.04 -11.68
O2B TBD I . 6.37 14.24 -14.09
O3B TBD I . 4.60 13.60 -12.37
O3A TBD I . 4.77 15.86 -13.13
PA TBD I . 4.87 16.88 -14.34
B1A TBD I . 3.08 17.37 -14.76
O2A TBD I . 5.72 16.25 -15.39
O5' TBD I . 5.58 18.16 -13.71
C5' TBD I . 6.93 18.10 -13.20
C4' TBD I . 7.00 18.67 -11.79
O4' TBD I . 6.71 20.09 -11.78
C1' TBD I . 6.10 20.46 -10.56
N1 TBD I . 4.79 21.08 -10.85
C6 TBD I . 4.06 20.68 -11.95
C2 TBD I . 4.32 22.07 -10.01
O2 TBD I . 4.92 22.43 -9.01
N3 TBD I . 3.12 22.62 -10.37
C4 TBD I . 2.35 22.28 -11.46
O4 TBD I . 1.30 22.88 -11.66
C5 TBD I . 2.88 21.23 -12.30
C5A TBD I . 2.10 20.79 -13.49
C2' TBD I . 6.00 19.19 -9.70
C3' TBD I . 6.05 18.09 -10.75
O3' TBD I . 6.59 16.89 -10.19
#